data_8D5K
#
_entry.id   8D5K
#
_cell.length_a   115.370
_cell.length_b   66.200
_cell.length_c   56.790
_cell.angle_alpha   90.000
_cell.angle_beta   92.420
_cell.angle_gamma   90.000
#
_symmetry.space_group_name_H-M   'C 1 2 1'
#
loop_
_entity.id
_entity.type
_entity.pdbx_description
1 polymer 'H-2 class I histocompatibility antigen, K-D alpha chain'
2 polymer Beta-2-microglobulin
3 polymer 'Pre-mRNA-processing factor 19'
4 water water
#
loop_
_entity_poly.entity_id
_entity_poly.type
_entity_poly.pdbx_seq_one_letter_code
_entity_poly.pdbx_strand_id
1 'polypeptide(L)'
;GPHSLRYFVTAVSRPGLGEPRFIAVGYVDDTQFVRFDSDADNPRFEPRAPWMEQEGPEYWEEQTQRAKSDEQWFRVSLRT
AQRYYNQSKGGSHTFQRMFGCDVGSDWRLLRGYQQFAYDGRDYIALNEDLKTWTAADTAALITRRKWEQAGDAEYYRAYL
EGECVEWLRRYLELGNETLLRTDSPKAHVTYHPRSQVDVTLRCWALGFYPADITLTWQLNGEDLTQDMELVETRPAGDGT
FQKWAAVVVPLGKEQNYTCHVHHKGLPEPLTLRWE
;
A
2 'polypeptide(L)'
;MIQKTPQIQVYSRHPPENGKPNILNCYVTQFHPPHIEIQMLKNGKKIPKVEMSDMSFSKDWSFYILAHTEFTPTETDTYA
CRVKHDSMAEPKTVYWDRDM
;
B
3 'polypeptide(L)' KYRQVASHV C
#
# COMPACT_ATOMS: atom_id res chain seq x y z
N GLY A 1 -3.52 -21.85 -6.56
CA GLY A 1 -2.48 -21.02 -5.92
C GLY A 1 -3.07 -20.04 -4.93
N PRO A 2 -2.25 -19.46 -4.00
CA PRO A 2 -2.72 -18.52 -2.96
C PRO A 2 -3.31 -17.15 -3.35
N HIS A 3 -4.26 -16.68 -2.53
CA HIS A 3 -5.00 -15.44 -2.71
C HIS A 3 -5.44 -14.87 -1.36
N SER A 4 -5.80 -13.58 -1.39
CA SER A 4 -6.17 -12.84 -0.20
C SER A 4 -7.22 -11.77 -0.51
N LEU A 5 -8.12 -11.57 0.45
CA LEU A 5 -9.03 -10.45 0.49
C LEU A 5 -8.63 -9.65 1.73
N ARG A 6 -8.45 -8.32 1.61
CA ARG A 6 -8.09 -7.52 2.78
C ARG A 6 -8.76 -6.16 2.69
N TYR A 7 -9.11 -5.62 3.84
CA TYR A 7 -9.68 -4.29 3.91
C TYR A 7 -8.74 -3.48 4.81
N PHE A 8 -8.56 -2.20 4.49
CA PHE A 8 -7.72 -1.29 5.23
C PHE A 8 -8.58 -0.11 5.58
N VAL A 9 -8.79 0.11 6.89
CA VAL A 9 -9.76 1.13 7.24
C VAL A 9 -9.10 2.12 8.19
N THR A 10 -9.38 3.42 7.98
CA THR A 10 -8.77 4.49 8.75
C THR A 10 -9.81 5.53 9.08
N ALA A 11 -9.85 5.95 10.34
CA ALA A 11 -10.53 7.18 10.71
C ALA A 11 -9.50 8.13 11.30
N VAL A 12 -9.59 9.41 10.91
CA VAL A 12 -8.75 10.49 11.44
C VAL A 12 -9.67 11.59 11.96
N SER A 13 -9.42 11.98 13.21
CA SER A 13 -10.20 13.01 13.86
C SER A 13 -9.65 14.37 13.43
N ARG A 14 -10.52 15.39 13.37
CA ARG A 14 -10.16 16.67 12.83
C ARG A 14 -10.83 17.63 13.80
N PRO A 15 -10.35 17.87 15.03
CA PRO A 15 -11.25 18.52 15.99
C PRO A 15 -11.45 20.02 15.70
N GLY A 16 -12.69 20.49 15.86
CA GLY A 16 -13.06 21.86 15.47
C GLY A 16 -13.33 22.03 13.98
N LEU A 17 -13.16 20.97 13.19
CA LEU A 17 -13.21 21.07 11.76
C LEU A 17 -14.14 20.01 11.17
N GLY A 18 -15.00 19.40 12.00
CA GLY A 18 -15.87 18.35 11.47
C GLY A 18 -15.65 16.98 12.11
N GLU A 19 -16.47 16.01 11.66
CA GLU A 19 -16.43 14.62 12.10
C GLU A 19 -15.16 13.97 11.57
N PRO A 20 -14.64 12.88 12.17
CA PRO A 20 -13.42 12.28 11.64
C PRO A 20 -13.60 11.91 10.17
N ARG A 21 -12.52 11.99 9.40
CA ARG A 21 -12.63 11.45 8.05
C ARG A 21 -12.48 9.94 8.17
N PHE A 22 -13.27 9.17 7.41
CA PHE A 22 -13.31 7.73 7.51
C PHE A 22 -13.17 7.17 6.10
N ILE A 23 -12.14 6.33 5.87
CA ILE A 23 -11.95 5.69 4.58
C ILE A 23 -11.72 4.19 4.79
N ALA A 24 -12.35 3.41 3.93
CA ALA A 24 -12.05 1.98 3.90
C ALA A 24 -11.66 1.64 2.47
N VAL A 25 -10.57 0.87 2.30
CA VAL A 25 -10.21 0.39 0.97
C VAL A 25 -10.15 -1.12 1.00
N GLY A 26 -10.70 -1.76 -0.04
CA GLY A 26 -10.61 -3.20 -0.24
C GLY A 26 -9.65 -3.62 -1.36
N TYR A 27 -8.85 -4.65 -1.08
CA TYR A 27 -7.93 -5.31 -2.01
C TYR A 27 -8.18 -6.82 -2.14
N VAL A 28 -8.03 -7.30 -3.38
CA VAL A 28 -7.90 -8.72 -3.66
C VAL A 28 -6.47 -8.90 -4.18
N ASP A 29 -5.65 -9.73 -3.51
CA ASP A 29 -4.21 -9.79 -3.79
C ASP A 29 -3.60 -8.39 -3.81
N ASP A 30 -2.86 -8.06 -4.88
CA ASP A 30 -2.29 -6.73 -5.01
C ASP A 30 -3.25 -5.75 -5.71
N THR A 31 -4.55 -6.07 -5.85
CA THR A 31 -5.40 -5.23 -6.68
C THR A 31 -6.50 -4.55 -5.84
N GLN A 32 -6.58 -3.22 -5.88
CA GLN A 32 -7.70 -2.53 -5.23
C GLN A 32 -9.05 -2.76 -5.96
N PHE A 33 -10.14 -2.99 -5.23
CA PHE A 33 -11.39 -3.27 -5.92
C PHE A 33 -12.57 -2.44 -5.40
N VAL A 34 -12.49 -1.85 -4.18
CA VAL A 34 -13.61 -1.13 -3.58
C VAL A 34 -13.09 -0.02 -2.68
N ARG A 35 -13.93 1.02 -2.45
CA ARG A 35 -13.65 1.94 -1.37
C ARG A 35 -14.97 2.48 -0.81
N PHE A 36 -14.86 3.05 0.40
CA PHE A 36 -15.82 3.96 1.00
C PHE A 36 -15.02 5.12 1.59
N ASP A 37 -15.43 6.35 1.27
CA ASP A 37 -14.80 7.58 1.72
C ASP A 37 -15.93 8.49 2.23
N SER A 38 -15.91 8.84 3.52
CA SER A 38 -16.93 9.69 4.16
C SER A 38 -16.87 11.11 3.59
N ASP A 39 -15.80 11.48 2.87
CA ASP A 39 -15.65 12.86 2.46
C ASP A 39 -16.70 13.31 1.44
N ALA A 40 -17.46 12.38 0.85
CA ALA A 40 -18.44 12.66 -0.19
C ALA A 40 -19.71 13.28 0.39
N ASP A 41 -20.50 13.93 -0.47
CA ASP A 41 -21.75 14.55 -0.06
C ASP A 41 -22.76 13.47 0.31
N ASN A 42 -22.84 12.41 -0.52
CA ASN A 42 -23.63 11.24 -0.19
C ASN A 42 -22.72 10.02 -0.22
N PRO A 43 -21.92 9.76 0.84
CA PRO A 43 -20.94 8.67 0.82
C PRO A 43 -21.56 7.29 0.59
N ARG A 44 -20.99 6.57 -0.38
CA ARG A 44 -21.42 5.22 -0.66
C ARG A 44 -20.18 4.37 -0.85
N PHE A 45 -20.31 3.09 -0.51
CA PHE A 45 -19.31 2.09 -0.88
C PHE A 45 -19.35 1.94 -2.39
N GLU A 46 -18.17 1.80 -3.02
CA GLU A 46 -17.95 2.12 -4.42
C GLU A 46 -16.96 1.16 -5.05
N PRO A 47 -17.16 0.82 -6.34
CA PRO A 47 -16.22 -0.04 -7.06
C PRO A 47 -14.92 0.69 -7.41
N ARG A 48 -13.80 -0.02 -7.35
CA ARG A 48 -12.56 0.62 -7.79
C ARG A 48 -11.82 -0.27 -8.78
N ALA A 49 -12.50 -1.25 -9.33
CA ALA A 49 -11.93 -2.03 -10.41
C ALA A 49 -13.08 -2.26 -11.37
N PRO A 50 -12.81 -2.23 -12.70
CA PRO A 50 -13.85 -2.48 -13.70
C PRO A 50 -14.73 -3.68 -13.37
N TRP A 51 -14.14 -4.81 -12.96
CA TRP A 51 -14.84 -6.09 -12.74
C TRP A 51 -15.85 -6.11 -11.57
N MET A 52 -15.91 -5.05 -10.75
CA MET A 52 -16.85 -4.93 -9.63
C MET A 52 -18.12 -4.19 -10.06
N GLU A 53 -18.05 -3.49 -11.18
CA GLU A 53 -19.09 -2.56 -11.64
C GLU A 53 -20.44 -3.24 -11.92
N GLN A 54 -20.46 -4.54 -12.22
CA GLN A 54 -21.74 -5.17 -12.53
C GLN A 54 -22.37 -5.81 -11.28
N GLU A 55 -21.81 -5.53 -10.10
CA GLU A 55 -22.48 -5.94 -8.87
C GLU A 55 -23.71 -5.05 -8.68
N GLY A 56 -24.81 -5.68 -8.30
CA GLY A 56 -26.08 -5.01 -8.23
C GLY A 56 -26.19 -4.03 -7.06
N PRO A 57 -27.25 -3.19 -7.05
CA PRO A 57 -27.49 -2.26 -5.97
C PRO A 57 -27.53 -2.85 -4.54
N GLU A 58 -28.00 -4.09 -4.40
CA GLU A 58 -28.10 -4.72 -3.09
C GLU A 58 -26.71 -4.93 -2.50
N TYR A 59 -25.73 -5.30 -3.33
CA TYR A 59 -24.34 -5.31 -2.90
C TYR A 59 -23.91 -3.95 -2.34
N TRP A 60 -24.11 -2.82 -3.06
CA TRP A 60 -23.54 -1.55 -2.63
C TRP A 60 -24.28 -0.97 -1.42
N GLU A 61 -25.60 -1.18 -1.36
CA GLU A 61 -26.46 -0.88 -0.22
C GLU A 61 -25.93 -1.54 1.04
N GLU A 62 -25.84 -2.87 1.02
CA GLU A 62 -25.48 -3.66 2.19
C GLU A 62 -24.11 -3.21 2.70
N GLN A 63 -23.13 -3.13 1.78
CA GLN A 63 -21.77 -2.73 2.06
C GLN A 63 -21.74 -1.29 2.58
N THR A 64 -22.52 -0.40 1.93
CA THR A 64 -22.62 0.95 2.47
C THR A 64 -23.07 0.91 3.92
N GLN A 65 -24.14 0.15 4.21
CA GLN A 65 -24.70 0.17 5.55
C GLN A 65 -23.66 -0.29 6.57
N ARG A 66 -22.87 -1.30 6.20
CA ARG A 66 -21.88 -1.87 7.11
C ARG A 66 -20.71 -0.88 7.31
N ALA A 67 -20.34 -0.18 6.24
CA ALA A 67 -19.29 0.82 6.34
C ALA A 67 -19.72 1.96 7.27
N LYS A 68 -21.00 2.38 7.19
CA LYS A 68 -21.51 3.46 8.00
C LYS A 68 -21.60 3.07 9.48
N SER A 69 -21.98 1.82 9.76
CA SER A 69 -21.93 1.32 11.12
C SER A 69 -20.52 1.43 11.67
N ASP A 70 -19.53 0.97 10.88
CA ASP A 70 -18.14 1.10 11.31
C ASP A 70 -17.70 2.56 11.48
N GLU A 71 -18.25 3.44 10.64
CA GLU A 71 -17.87 4.83 10.81
C GLU A 71 -18.21 5.31 12.22
N GLN A 72 -19.43 4.97 12.67
CA GLN A 72 -19.88 5.39 13.99
C GLN A 72 -19.03 4.74 15.07
N TRP A 73 -18.72 3.45 14.92
CA TRP A 73 -17.82 2.71 15.79
C TRP A 73 -16.45 3.39 15.85
N PHE A 74 -15.88 3.75 14.70
CA PHE A 74 -14.60 4.43 14.72
C PHE A 74 -14.67 5.78 15.44
N ARG A 75 -15.78 6.51 15.35
CA ARG A 75 -15.85 7.78 16.09
C ARG A 75 -15.82 7.52 17.59
N VAL A 76 -16.48 6.46 18.06
CA VAL A 76 -16.58 6.13 19.47
C VAL A 76 -15.21 5.69 19.96
N SER A 77 -14.58 4.82 19.16
CA SER A 77 -13.25 4.29 19.45
C SER A 77 -12.20 5.40 19.59
N LEU A 78 -12.21 6.41 18.71
CA LEU A 78 -11.28 7.53 18.84
C LEU A 78 -11.46 8.24 20.18
N ARG A 79 -12.73 8.41 20.60
CA ARG A 79 -13.01 9.14 21.83
C ARG A 79 -12.50 8.28 22.97
N THR A 80 -12.82 6.98 22.92
CA THR A 80 -12.50 6.07 24.01
C THR A 80 -10.99 5.94 24.14
N ALA A 81 -10.29 5.71 23.01
CA ALA A 81 -8.84 5.52 23.06
C ALA A 81 -8.19 6.72 23.73
N GLN A 82 -8.65 7.92 23.36
CA GLN A 82 -8.07 9.13 23.89
C GLN A 82 -8.24 9.20 25.42
N ARG A 83 -9.42 8.83 25.91
CA ARG A 83 -9.71 8.66 27.33
C ARG A 83 -8.80 7.61 27.97
N TYR A 84 -8.72 6.41 27.38
CA TYR A 84 -7.87 5.39 27.98
C TYR A 84 -6.41 5.85 27.99
N TYR A 85 -5.97 6.61 26.98
CA TYR A 85 -4.55 6.97 27.01
C TYR A 85 -4.21 8.20 27.86
N ASN A 86 -5.21 8.90 28.40
CA ASN A 86 -4.95 10.13 29.13
C ASN A 86 -4.34 11.22 28.24
N GLN A 87 -4.65 11.22 26.93
CA GLN A 87 -4.03 12.20 26.04
C GLN A 87 -4.69 13.57 26.22
N SER A 88 -3.97 14.68 25.95
CA SER A 88 -4.60 16.00 25.90
C SER A 88 -5.70 15.98 24.85
N LYS A 89 -6.85 16.63 25.12
CA LYS A 89 -7.94 16.88 24.18
C LYS A 89 -7.51 17.76 23.00
N GLY A 90 -8.35 17.83 21.98
CA GLY A 90 -7.93 18.34 20.70
C GLY A 90 -6.88 17.38 20.16
N GLY A 91 -6.10 17.81 19.19
CA GLY A 91 -5.19 16.85 18.56
C GLY A 91 -5.98 15.96 17.62
N SER A 92 -5.40 15.71 16.45
CA SER A 92 -5.88 14.69 15.53
C SER A 92 -5.29 13.35 15.93
N HIS A 93 -6.09 12.29 15.95
CA HIS A 93 -5.62 10.94 16.18
C HIS A 93 -6.21 10.07 15.07
N THR A 94 -5.68 8.84 14.92
CA THR A 94 -6.08 7.92 13.88
C THR A 94 -6.43 6.60 14.56
N PHE A 95 -7.41 5.90 13.99
CA PHE A 95 -7.68 4.52 14.38
C PHE A 95 -7.68 3.76 13.06
N GLN A 96 -7.12 2.55 13.06
CA GLN A 96 -6.99 1.84 11.81
C GLN A 96 -7.44 0.42 12.08
N ARG A 97 -7.91 -0.20 11.02
CA ARG A 97 -8.25 -1.60 11.15
C ARG A 97 -7.80 -2.29 9.87
N MET A 98 -7.28 -3.51 10.01
CA MET A 98 -6.93 -4.30 8.83
C MET A 98 -7.52 -5.68 9.03
N PHE A 99 -8.28 -6.14 8.03
CA PHE A 99 -8.91 -7.42 8.22
C PHE A 99 -9.08 -8.12 6.89
N GLY A 100 -9.28 -9.46 6.96
CA GLY A 100 -9.56 -10.25 5.77
C GLY A 100 -9.05 -11.70 5.90
N CYS A 101 -9.02 -12.41 4.77
CA CYS A 101 -8.67 -13.83 4.77
C CYS A 101 -7.67 -14.12 3.64
N ASP A 102 -6.78 -15.10 3.88
CA ASP A 102 -5.91 -15.76 2.91
C ASP A 102 -6.37 -17.20 2.64
N VAL A 103 -6.20 -17.65 1.39
CA VAL A 103 -6.45 -19.04 1.02
C VAL A 103 -5.23 -19.56 0.29
N GLY A 104 -4.98 -20.87 0.43
CA GLY A 104 -4.00 -21.55 -0.38
C GLY A 104 -4.60 -22.05 -1.69
N SER A 105 -4.07 -23.19 -2.17
CA SER A 105 -4.65 -23.92 -3.28
C SER A 105 -5.94 -24.57 -2.79
N ASP A 106 -6.21 -24.30 -1.51
CA ASP A 106 -6.90 -25.18 -0.60
C ASP A 106 -8.40 -24.89 -0.60
N TRP A 107 -8.76 -23.59 -0.67
CA TRP A 107 -10.12 -23.02 -0.47
C TRP A 107 -10.72 -23.24 0.93
N ARG A 108 -9.90 -23.81 1.81
CA ARG A 108 -10.09 -23.67 3.23
C ARG A 108 -9.25 -22.47 3.68
N LEU A 109 -9.82 -21.71 4.61
CA LEU A 109 -9.15 -20.56 5.18
C LEU A 109 -7.77 -21.00 5.65
N LEU A 110 -6.72 -20.38 5.10
CA LEU A 110 -5.33 -20.60 5.47
C LEU A 110 -4.93 -19.65 6.60
N ARG A 111 -5.37 -18.37 6.53
CA ARG A 111 -5.13 -17.42 7.60
C ARG A 111 -6.19 -16.30 7.62
N GLY A 112 -6.63 -15.86 8.81
CA GLY A 112 -7.55 -14.73 8.92
C GLY A 112 -6.94 -13.60 9.74
N TYR A 113 -7.36 -12.33 9.51
CA TYR A 113 -6.79 -11.17 10.19
C TYR A 113 -7.95 -10.31 10.70
N GLN A 114 -7.77 -9.78 11.90
CA GLN A 114 -8.61 -8.78 12.49
C GLN A 114 -7.70 -7.98 13.41
N GLN A 115 -7.09 -6.91 12.87
CA GLN A 115 -6.18 -6.16 13.73
C GLN A 115 -6.47 -4.68 13.67
N PHE A 116 -5.99 -4.01 14.73
CA PHE A 116 -6.27 -2.61 14.91
C PHE A 116 -5.06 -1.86 15.43
N ALA A 117 -5.00 -0.56 15.12
CA ALA A 117 -3.92 0.34 15.56
C ALA A 117 -4.53 1.64 15.97
N TYR A 118 -3.94 2.26 16.98
CA TYR A 118 -4.31 3.61 17.35
C TYR A 118 -3.09 4.51 17.13
N ASP A 119 -3.28 5.65 16.46
CA ASP A 119 -2.16 6.55 16.21
C ASP A 119 -0.98 5.83 15.55
N GLY A 120 -1.26 4.86 14.69
CA GLY A 120 -0.22 4.24 13.89
C GLY A 120 0.49 3.06 14.56
N ARG A 121 0.07 2.69 15.79
CA ARG A 121 0.74 1.64 16.55
C ARG A 121 -0.25 0.53 16.87
N ASP A 122 0.29 -0.70 16.92
CA ASP A 122 -0.56 -1.84 17.27
C ASP A 122 -1.49 -1.50 18.46
N TYR A 123 -2.78 -1.82 18.36
CA TYR A 123 -3.64 -1.71 19.53
C TYR A 123 -4.11 -3.09 19.98
N ILE A 124 -4.84 -3.79 19.13
CA ILE A 124 -5.19 -5.15 19.49
C ILE A 124 -5.24 -5.95 18.20
N ALA A 125 -4.96 -7.27 18.27
CA ALA A 125 -4.95 -8.10 17.07
C ALA A 125 -5.47 -9.50 17.43
N LEU A 126 -6.30 -10.10 16.55
CA LEU A 126 -6.71 -11.48 16.72
C LEU A 126 -5.52 -12.37 16.37
N ASN A 127 -5.16 -13.32 17.24
CA ASN A 127 -4.07 -14.24 16.89
C ASN A 127 -4.50 -15.26 15.83
N GLU A 128 -3.50 -15.97 15.32
CA GLU A 128 -3.65 -16.87 14.19
C GLU A 128 -4.59 -18.04 14.54
N ASP A 129 -4.74 -18.36 15.83
CA ASP A 129 -5.67 -19.37 16.31
C ASP A 129 -7.13 -18.96 16.10
N LEU A 130 -7.34 -17.68 15.80
CA LEU A 130 -8.67 -17.13 15.57
C LEU A 130 -9.54 -17.28 16.82
N LYS A 131 -8.87 -17.34 17.98
CA LYS A 131 -9.66 -17.51 19.19
C LYS A 131 -9.22 -16.50 20.26
N THR A 132 -7.96 -16.08 20.23
CA THR A 132 -7.43 -15.28 21.32
C THR A 132 -6.89 -13.97 20.74
N TRP A 133 -6.72 -12.96 21.61
CA TRP A 133 -6.34 -11.60 21.23
C TRP A 133 -4.99 -11.29 21.85
N THR A 134 -4.15 -10.58 21.10
CA THR A 134 -2.97 -9.89 21.62
C THR A 134 -3.27 -8.39 21.75
N ALA A 135 -3.24 -7.88 22.98
CA ALA A 135 -3.38 -6.47 23.27
C ALA A 135 -1.98 -5.84 23.34
N ALA A 136 -1.80 -4.68 22.70
CA ALA A 136 -0.45 -4.18 22.55
C ALA A 136 -0.01 -3.57 23.87
N ASP A 137 -0.95 -3.26 24.77
CA ASP A 137 -0.60 -2.49 25.94
C ASP A 137 -1.70 -2.59 27.00
N THR A 138 -1.54 -1.83 28.08
CA THR A 138 -2.41 -1.81 29.24
C THR A 138 -3.78 -1.27 28.83
N ALA A 139 -3.81 -0.27 27.94
CA ALA A 139 -5.08 0.23 27.45
C ALA A 139 -5.83 -0.83 26.64
N ALA A 140 -5.14 -1.51 25.73
CA ALA A 140 -5.85 -2.42 24.84
C ALA A 140 -6.35 -3.66 25.58
N LEU A 141 -5.82 -3.87 26.80
CA LEU A 141 -6.17 -4.97 27.68
C LEU A 141 -7.64 -4.86 28.11
N ILE A 142 -8.09 -3.63 28.41
CA ILE A 142 -9.48 -3.33 28.72
C ILE A 142 -10.33 -3.79 27.54
N THR A 143 -9.88 -3.49 26.33
CA THR A 143 -10.65 -3.86 25.15
C THR A 143 -10.73 -5.40 25.02
N ARG A 144 -9.57 -6.05 25.14
CA ARG A 144 -9.45 -7.50 25.06
C ARG A 144 -10.44 -8.20 25.99
N ARG A 145 -10.47 -7.76 27.26
CA ARG A 145 -11.36 -8.35 28.25
C ARG A 145 -12.81 -8.19 27.80
N LYS A 146 -13.16 -7.00 27.32
CA LYS A 146 -14.50 -6.75 26.80
C LYS A 146 -14.83 -7.62 25.59
N TRP A 147 -13.85 -7.95 24.74
CA TRP A 147 -14.11 -8.72 23.54
C TRP A 147 -14.14 -10.20 23.89
N GLU A 148 -13.46 -10.52 24.98
CA GLU A 148 -13.53 -11.85 25.56
C GLU A 148 -14.91 -12.11 26.13
N GLN A 149 -15.45 -11.21 26.98
CA GLN A 149 -16.79 -11.37 27.52
C GLN A 149 -17.83 -11.53 26.41
N ALA A 150 -17.68 -10.81 25.28
CA ALA A 150 -18.70 -10.82 24.24
C ALA A 150 -18.57 -12.03 23.33
N GLY A 151 -17.45 -12.76 23.40
CA GLY A 151 -17.20 -13.85 22.47
C GLY A 151 -16.91 -13.33 21.06
N ASP A 152 -16.34 -12.14 20.91
CA ASP A 152 -16.14 -11.61 19.54
C ASP A 152 -15.31 -12.54 18.66
N ALA A 153 -14.30 -13.23 19.20
CA ALA A 153 -13.42 -14.05 18.38
C ALA A 153 -14.20 -15.03 17.50
N GLU A 154 -15.14 -15.75 18.12
CA GLU A 154 -15.86 -16.80 17.43
C GLU A 154 -16.75 -16.20 16.34
N TYR A 155 -17.26 -15.00 16.60
CA TYR A 155 -18.08 -14.29 15.64
C TYR A 155 -17.22 -13.92 14.42
N TYR A 156 -16.03 -13.37 14.66
CA TYR A 156 -15.14 -13.02 13.57
C TYR A 156 -14.71 -14.28 12.83
N ARG A 157 -14.57 -15.39 13.57
CA ARG A 157 -14.08 -16.63 12.98
C ARG A 157 -15.09 -17.11 11.93
N ALA A 158 -16.39 -16.98 12.26
CA ALA A 158 -17.43 -17.42 11.34
C ALA A 158 -17.37 -16.63 10.04
N TYR A 159 -17.17 -15.30 10.17
CA TYR A 159 -16.90 -14.44 9.03
C TYR A 159 -15.67 -14.93 8.27
N LEU A 160 -14.54 -15.05 8.99
CA LEU A 160 -13.28 -15.33 8.33
C LEU A 160 -13.42 -16.63 7.53
N GLU A 161 -14.02 -17.65 8.17
CA GLU A 161 -14.12 -18.98 7.56
C GLU A 161 -15.18 -19.00 6.45
N GLY A 162 -16.28 -18.25 6.65
CA GLY A 162 -17.45 -18.38 5.78
C GLY A 162 -17.54 -17.30 4.71
N GLU A 163 -18.10 -16.16 5.07
CA GLU A 163 -18.36 -15.08 4.15
C GLU A 163 -17.06 -14.53 3.54
N CYS A 164 -15.99 -14.33 4.34
CA CYS A 164 -14.75 -13.79 3.76
C CYS A 164 -14.22 -14.60 2.56
N VAL A 165 -14.01 -15.91 2.75
CA VAL A 165 -13.51 -16.80 1.70
C VAL A 165 -14.53 -16.94 0.58
N GLU A 166 -15.82 -17.00 0.95
CA GLU A 166 -16.86 -17.13 -0.05
C GLU A 166 -16.79 -15.94 -1.01
N TRP A 167 -16.65 -14.72 -0.47
CA TRP A 167 -16.62 -13.55 -1.34
C TRP A 167 -15.28 -13.37 -2.04
N LEU A 168 -14.15 -13.76 -1.42
CA LEU A 168 -12.90 -13.76 -2.17
C LEU A 168 -13.07 -14.59 -3.44
N ARG A 169 -13.82 -15.70 -3.30
CA ARG A 169 -13.91 -16.68 -4.37
C ARG A 169 -14.65 -16.06 -5.55
N ARG A 170 -15.82 -15.47 -5.25
CA ARG A 170 -16.60 -14.67 -6.18
C ARG A 170 -15.73 -13.59 -6.84
N TYR A 171 -14.91 -12.88 -6.04
CA TYR A 171 -14.15 -11.78 -6.62
C TYR A 171 -13.12 -12.29 -7.63
N LEU A 172 -12.44 -13.39 -7.29
CA LEU A 172 -11.50 -14.04 -8.21
C LEU A 172 -12.23 -14.50 -9.47
N GLU A 173 -13.49 -14.93 -9.34
CA GLU A 173 -14.32 -15.26 -10.49
C GLU A 173 -14.54 -14.01 -11.33
N LEU A 174 -15.09 -12.96 -10.73
CA LEU A 174 -15.42 -11.75 -11.47
C LEU A 174 -14.17 -11.19 -12.14
N GLY A 175 -13.01 -11.24 -11.46
CA GLY A 175 -11.84 -10.57 -12.00
C GLY A 175 -10.81 -11.51 -12.62
N ASN A 176 -11.25 -12.73 -12.95
CA ASN A 176 -10.36 -13.85 -13.25
C ASN A 176 -9.33 -13.47 -14.31
N GLU A 177 -9.75 -12.73 -15.33
CA GLU A 177 -8.86 -12.29 -16.39
C GLU A 177 -7.65 -11.59 -15.79
N THR A 178 -7.90 -10.57 -14.99
CA THR A 178 -6.83 -9.75 -14.48
C THR A 178 -6.21 -10.41 -13.24
N LEU A 179 -7.03 -10.80 -12.27
CA LEU A 179 -6.51 -11.23 -10.98
C LEU A 179 -5.68 -12.50 -11.13
N LEU A 180 -5.95 -13.32 -12.15
CA LEU A 180 -5.23 -14.59 -12.20
C LEU A 180 -3.95 -14.52 -13.03
N ARG A 181 -3.66 -13.38 -13.68
CA ARG A 181 -2.52 -13.27 -14.61
C ARG A 181 -1.19 -13.31 -13.84
N THR A 182 -0.14 -13.76 -14.51
CA THR A 182 1.21 -13.62 -14.04
C THR A 182 1.95 -12.80 -15.09
N ASP A 183 2.39 -11.58 -14.78
CA ASP A 183 3.20 -10.85 -15.73
C ASP A 183 4.65 -10.94 -15.29
N SER A 184 5.51 -11.57 -16.10
CA SER A 184 6.89 -11.73 -15.71
C SER A 184 7.70 -10.44 -15.91
N PRO A 185 8.74 -10.21 -15.11
CA PRO A 185 9.43 -8.92 -15.23
C PRO A 185 10.23 -8.88 -16.52
N LYS A 186 10.32 -7.69 -17.12
CA LYS A 186 11.36 -7.47 -18.11
C LYS A 186 12.50 -6.80 -17.37
N ALA A 187 13.70 -7.36 -17.50
CA ALA A 187 14.81 -6.85 -16.73
C ALA A 187 15.89 -6.42 -17.73
N HIS A 188 16.71 -5.44 -17.33
CA HIS A 188 17.92 -5.04 -18.04
C HIS A 188 18.83 -4.35 -17.03
N VAL A 189 20.06 -4.05 -17.46
CA VAL A 189 21.01 -3.39 -16.60
C VAL A 189 21.44 -2.12 -17.29
N THR A 190 21.51 -1.02 -16.53
CA THR A 190 22.01 0.23 -17.08
C THR A 190 23.28 0.64 -16.35
N TYR A 191 24.15 1.28 -17.11
CA TYR A 191 25.50 1.65 -16.76
C TYR A 191 25.56 3.17 -16.61
N HIS A 192 26.08 3.64 -15.47
CA HIS A 192 26.15 5.07 -15.20
C HIS A 192 27.52 5.40 -14.65
N PRO A 193 28.30 6.26 -15.35
CA PRO A 193 29.60 6.74 -14.84
C PRO A 193 29.50 7.30 -13.42
N ARG A 194 30.49 6.97 -12.60
CA ARG A 194 30.42 7.48 -11.25
C ARG A 194 31.60 8.39 -10.98
N SER A 195 32.81 7.96 -11.38
CA SER A 195 34.06 8.60 -10.99
C SER A 195 35.18 7.89 -11.77
N GLN A 196 36.39 8.47 -11.76
CA GLN A 196 37.49 7.89 -12.53
C GLN A 196 37.83 6.46 -12.05
N VAL A 197 37.31 6.03 -10.89
CA VAL A 197 37.62 4.72 -10.32
C VAL A 197 36.43 3.78 -10.51
N ASP A 198 35.20 4.31 -10.45
CA ASP A 198 34.06 3.42 -10.37
C ASP A 198 32.88 3.91 -11.22
N VAL A 199 31.86 3.05 -11.24
CA VAL A 199 30.59 3.24 -11.96
C VAL A 199 29.48 2.55 -11.17
N THR A 200 28.24 3.00 -11.42
CA THR A 200 27.03 2.37 -10.92
C THR A 200 26.41 1.48 -11.99
N LEU A 201 26.04 0.26 -11.59
CA LEU A 201 25.20 -0.63 -12.37
C LEU A 201 23.85 -0.73 -11.68
N ARG A 202 22.79 -0.52 -12.48
CA ARG A 202 21.43 -0.52 -11.99
C ARG A 202 20.70 -1.68 -12.66
N CYS A 203 20.19 -2.61 -11.84
CA CYS A 203 19.41 -3.71 -12.37
C CYS A 203 17.91 -3.44 -12.24
N TRP A 204 17.18 -3.48 -13.35
CA TRP A 204 15.78 -3.11 -13.29
C TRP A 204 14.89 -4.33 -13.49
N ALA A 205 13.71 -4.33 -12.85
CA ALA A 205 12.64 -5.28 -13.16
C ALA A 205 11.37 -4.48 -13.36
N LEU A 206 10.75 -4.65 -14.53
CA LEU A 206 9.67 -3.77 -14.95
C LEU A 206 8.48 -4.63 -15.39
N GLY A 207 7.27 -4.09 -15.22
CA GLY A 207 6.02 -4.64 -15.76
C GLY A 207 5.58 -5.98 -15.18
N PHE A 208 5.92 -6.26 -13.92
CA PHE A 208 5.61 -7.57 -13.33
C PHE A 208 4.34 -7.51 -12.47
N TYR A 209 3.65 -8.66 -12.33
CA TYR A 209 2.52 -8.90 -11.45
C TYR A 209 2.58 -10.37 -11.02
N PRO A 210 2.44 -10.73 -9.73
CA PRO A 210 2.08 -9.81 -8.66
C PRO A 210 3.33 -9.13 -8.13
N ALA A 211 3.17 -8.32 -7.07
CA ALA A 211 4.21 -7.38 -6.66
C ALA A 211 5.46 -8.10 -6.14
N ASP A 212 5.29 -9.33 -5.68
CA ASP A 212 6.34 -9.98 -4.91
C ASP A 212 7.49 -10.34 -5.85
N ILE A 213 8.75 -10.07 -5.45
CA ILE A 213 9.89 -10.35 -6.33
C ILE A 213 11.16 -10.39 -5.47
N THR A 214 12.21 -11.05 -5.95
CA THR A 214 13.50 -10.90 -5.29
C THR A 214 14.45 -10.43 -6.36
N LEU A 215 15.21 -9.37 -6.08
CA LEU A 215 16.06 -8.75 -7.07
C LEU A 215 17.38 -8.47 -6.36
N THR A 216 18.47 -9.00 -6.89
CA THR A 216 19.68 -8.89 -6.10
C THR A 216 20.91 -8.93 -6.98
N TRP A 217 22.00 -8.38 -6.44
CA TRP A 217 23.30 -8.41 -7.08
C TRP A 217 24.19 -9.41 -6.37
N GLN A 218 25.08 -10.00 -7.16
CA GLN A 218 26.07 -10.87 -6.56
C GLN A 218 27.42 -10.47 -7.09
N LEU A 219 28.42 -10.78 -6.29
CA LEU A 219 29.78 -10.63 -6.76
C LEU A 219 30.38 -12.01 -6.73
N ASN A 220 30.61 -12.50 -7.94
CA ASN A 220 31.13 -13.84 -8.12
C ASN A 220 30.23 -14.87 -7.49
N GLY A 221 28.95 -14.74 -7.82
CA GLY A 221 28.02 -15.80 -7.48
C GLY A 221 27.94 -15.96 -5.97
N GLU A 222 28.43 -14.98 -5.22
CA GLU A 222 28.16 -14.94 -3.80
C GLU A 222 27.34 -13.69 -3.51
N ASP A 223 26.56 -13.78 -2.43
CA ASP A 223 25.61 -12.72 -2.32
C ASP A 223 26.26 -11.49 -1.74
N LEU A 224 25.45 -10.43 -1.69
CA LEU A 224 25.98 -9.10 -1.83
C LEU A 224 25.07 -8.11 -1.09
N GLN A 226 29.42 -5.19 0.78
CA GLN A 226 29.28 -4.03 -0.15
C GLN A 226 27.85 -3.53 -0.13
N ASP A 227 27.67 -2.21 -0.28
CA ASP A 227 26.32 -1.70 -0.23
C ASP A 227 25.65 -1.84 -1.59
N MET A 228 24.34 -2.05 -1.55
CA MET A 228 23.48 -2.15 -2.71
C MET A 228 22.30 -1.23 -2.46
N GLU A 229 21.89 -0.42 -3.44
CA GLU A 229 20.66 0.32 -3.22
C GLU A 229 19.50 -0.50 -3.78
N LEU A 230 18.46 -0.74 -2.99
CA LEU A 230 17.30 -1.53 -3.39
C LEU A 230 16.05 -0.68 -3.15
N VAL A 231 15.36 -0.23 -4.21
CA VAL A 231 14.23 0.64 -3.95
C VAL A 231 13.01 -0.23 -3.61
N GLU A 232 12.04 0.40 -2.92
CA GLU A 232 10.77 -0.20 -2.55
C GLU A 232 10.00 -0.50 -3.84
N THR A 233 9.35 -1.67 -3.89
CA THR A 233 8.55 -2.08 -5.05
C THR A 233 7.49 -1.01 -5.29
N ARG A 234 7.27 -0.63 -6.54
CA ARG A 234 6.43 0.54 -6.73
C ARG A 234 5.49 0.24 -7.88
N PRO A 235 4.27 0.83 -7.85
CA PRO A 235 3.31 0.68 -8.95
C PRO A 235 3.66 1.50 -10.18
N ALA A 236 3.48 0.87 -11.34
CA ALA A 236 3.63 1.56 -12.60
C ALA A 236 2.39 2.42 -12.79
N GLY A 237 1.30 1.99 -12.13
CA GLY A 237 0.01 2.66 -12.18
C GLY A 237 -0.94 2.01 -13.18
N ASP A 238 -0.44 1.03 -13.95
CA ASP A 238 -1.22 0.27 -14.92
C ASP A 238 -1.49 -1.15 -14.44
N GLY A 239 -1.34 -1.41 -13.12
CA GLY A 239 -1.53 -2.73 -12.52
C GLY A 239 -0.27 -3.62 -12.52
N THR A 240 0.87 -3.10 -13.00
CA THR A 240 2.15 -3.81 -12.88
C THR A 240 3.08 -3.09 -11.89
N PHE A 241 4.23 -3.72 -11.58
CA PHE A 241 5.13 -3.15 -10.58
C PHE A 241 6.54 -3.01 -11.15
N GLN A 242 7.38 -2.29 -10.39
CA GLN A 242 8.72 -1.97 -10.85
C GLN A 242 9.64 -2.06 -9.65
N LYS A 243 10.93 -2.35 -9.87
CA LYS A 243 11.91 -2.37 -8.80
C LYS A 243 13.28 -2.28 -9.46
N TRP A 244 14.26 -1.74 -8.75
CA TRP A 244 15.61 -1.78 -9.24
C TRP A 244 16.51 -1.90 -8.04
N ALA A 245 17.75 -2.37 -8.29
CA ALA A 245 18.81 -2.52 -7.32
C ALA A 245 20.08 -2.08 -8.03
N ALA A 246 20.86 -1.23 -7.35
CA ALA A 246 22.03 -0.58 -7.91
C ALA A 246 23.21 -0.87 -6.99
N VAL A 247 24.38 -0.94 -7.60
CA VAL A 247 25.59 -1.31 -6.91
C VAL A 247 26.69 -0.50 -7.60
N VAL A 248 27.61 0.01 -6.79
CA VAL A 248 28.74 0.78 -7.32
C VAL A 248 29.92 -0.18 -7.42
N VAL A 249 30.60 -0.19 -8.57
CA VAL A 249 31.44 -1.25 -9.09
C VAL A 249 32.74 -0.61 -9.56
N PRO A 250 33.91 -1.23 -9.34
CA PRO A 250 35.17 -0.67 -9.83
C PRO A 250 35.20 -0.77 -11.35
N LEU A 251 35.74 0.28 -11.98
CA LEU A 251 35.85 0.31 -13.42
C LEU A 251 36.71 -0.88 -13.83
N GLY A 252 36.31 -1.58 -14.90
CA GLY A 252 37.03 -2.76 -15.34
C GLY A 252 36.66 -4.07 -14.64
N LYS A 253 35.78 -4.06 -13.61
CA LYS A 253 35.34 -5.31 -13.02
C LYS A 253 33.82 -5.48 -13.13
N GLU A 254 33.20 -4.81 -14.11
CA GLU A 254 31.76 -4.86 -14.29
C GLU A 254 31.29 -6.29 -14.57
N GLN A 255 32.10 -7.05 -15.27
CA GLN A 255 31.68 -8.35 -15.77
C GLN A 255 31.67 -9.34 -14.62
N ASN A 256 32.18 -8.91 -13.47
CA ASN A 256 32.27 -9.74 -12.29
C ASN A 256 30.94 -9.85 -11.58
N TYR A 257 30.07 -8.86 -11.79
CA TYR A 257 28.87 -8.71 -10.99
C TYR A 257 27.68 -9.23 -11.78
N THR A 258 26.74 -9.91 -11.10
CA THR A 258 25.58 -10.40 -11.81
C THR A 258 24.31 -10.01 -11.05
N CYS A 259 23.28 -9.66 -11.83
CA CYS A 259 21.96 -9.39 -11.30
C CYS A 259 21.08 -10.64 -11.43
N HIS A 260 20.22 -10.87 -10.41
CA HIS A 260 19.37 -12.06 -10.28
C HIS A 260 17.95 -11.66 -9.92
N VAL A 261 17.00 -12.27 -10.65
CA VAL A 261 15.60 -11.89 -10.53
C VAL A 261 14.83 -13.20 -10.36
N HIS A 262 14.15 -13.33 -9.22
CA HIS A 262 13.22 -14.42 -8.93
C HIS A 262 11.82 -13.82 -8.95
N HIS A 263 10.89 -14.48 -9.67
CA HIS A 263 9.50 -14.08 -9.73
C HIS A 263 8.62 -15.25 -10.21
N LYS A 264 7.38 -15.32 -9.71
CA LYS A 264 6.43 -16.38 -10.01
C LYS A 264 6.26 -16.56 -11.51
N GLY A 265 6.32 -15.48 -12.29
CA GLY A 265 6.12 -15.63 -13.72
C GLY A 265 7.40 -16.00 -14.48
N LEU A 266 8.48 -16.31 -13.75
CA LEU A 266 9.69 -16.74 -14.42
C LEU A 266 9.84 -18.26 -14.31
N PRO A 267 9.95 -18.94 -15.47
CA PRO A 267 10.20 -20.38 -15.51
C PRO A 267 11.53 -20.59 -14.79
N GLU A 268 12.56 -19.88 -15.24
CA GLU A 268 13.89 -19.97 -14.68
C GLU A 268 14.29 -18.57 -14.22
N PRO A 269 14.78 -18.41 -12.97
CA PRO A 269 15.31 -17.13 -12.51
C PRO A 269 16.31 -16.54 -13.50
N LEU A 270 16.21 -15.24 -13.79
CA LEU A 270 17.13 -14.54 -14.68
C LEU A 270 18.45 -14.25 -13.98
N THR A 271 19.52 -14.33 -14.79
CA THR A 271 20.84 -13.81 -14.48
C THR A 271 21.20 -12.82 -15.58
N LEU A 272 21.42 -11.54 -15.23
CA LEU A 272 21.90 -10.52 -16.14
C LEU A 272 23.31 -10.10 -15.74
N ARG A 273 24.13 -9.84 -16.76
CA ARG A 273 25.49 -9.36 -16.60
C ARG A 273 25.74 -8.30 -17.67
N TRP A 274 26.53 -7.28 -17.31
CA TRP A 274 26.76 -6.15 -18.19
C TRP A 274 27.71 -6.53 -19.33
N MET B 1 1.30 9.91 17.25
CA MET B 1 2.24 9.53 18.34
C MET B 1 3.66 9.61 17.79
N ILE B 2 4.09 8.58 17.03
CA ILE B 2 5.38 8.58 16.32
C ILE B 2 5.23 8.95 14.86
N GLN B 3 5.92 10.04 14.46
CA GLN B 3 5.83 10.52 13.08
C GLN B 3 6.77 9.70 12.19
N LYS B 4 6.35 9.40 10.95
CA LYS B 4 7.15 8.61 10.04
C LYS B 4 7.32 9.48 8.80
N THR B 5 8.57 9.68 8.35
CA THR B 5 8.86 10.59 7.25
C THR B 5 8.52 9.89 5.94
N PRO B 6 7.73 10.51 5.03
CA PRO B 6 7.41 9.90 3.74
C PRO B 6 8.64 9.61 2.87
N GLN B 7 8.65 8.46 2.20
CA GLN B 7 9.70 8.12 1.26
C GLN B 7 9.07 8.31 -0.11
N ILE B 8 9.81 8.93 -1.03
CA ILE B 8 9.20 9.44 -2.23
C ILE B 8 10.01 8.88 -3.38
N GLN B 9 9.32 8.34 -4.39
CA GLN B 9 10.00 8.02 -5.63
C GLN B 9 9.16 8.65 -6.72
N VAL B 10 9.88 9.26 -7.65
CA VAL B 10 9.28 9.94 -8.78
C VAL B 10 9.82 9.20 -9.99
N TYR B 11 8.94 8.79 -10.88
CA TYR B 11 9.42 7.89 -11.91
C TYR B 11 8.30 7.77 -12.91
N SER B 12 8.66 7.30 -14.11
CA SER B 12 7.71 7.21 -15.20
C SER B 12 7.15 5.79 -15.25
N ARG B 13 5.90 5.69 -15.72
CA ARG B 13 5.25 4.41 -15.95
C ARG B 13 6.03 3.55 -16.94
N HIS B 14 6.45 4.16 -18.06
CA HIS B 14 7.19 3.44 -19.08
C HIS B 14 8.59 4.05 -19.11
N PRO B 15 9.64 3.34 -19.58
CA PRO B 15 10.97 3.96 -19.73
C PRO B 15 10.83 5.22 -20.60
N PRO B 16 11.45 6.32 -20.18
CA PRO B 16 11.09 7.62 -20.74
C PRO B 16 11.71 7.71 -22.13
N GLU B 17 10.96 8.23 -23.11
CA GLU B 17 11.53 8.57 -24.42
C GLU B 17 11.25 10.03 -24.77
N ASN B 18 12.30 10.78 -25.15
CA ASN B 18 12.14 12.21 -25.44
C ASN B 18 11.02 12.43 -26.46
N GLY B 19 9.99 13.18 -26.09
CA GLY B 19 8.97 13.54 -27.06
C GLY B 19 7.74 12.64 -26.99
N LYS B 20 7.82 11.51 -26.27
CA LYS B 20 6.73 10.54 -26.23
C LYS B 20 5.91 10.70 -24.95
N PRO B 21 4.55 10.77 -25.03
CA PRO B 21 3.68 10.84 -23.86
C PRO B 21 3.80 9.60 -22.97
N ASN B 22 3.66 9.81 -21.65
CA ASN B 22 4.11 8.91 -20.59
C ASN B 22 3.39 9.33 -19.29
N ILE B 23 3.48 8.51 -18.24
CA ILE B 23 2.84 8.91 -16.99
C ILE B 23 3.93 9.12 -15.96
N LEU B 24 3.85 10.23 -15.22
CA LEU B 24 4.80 10.48 -14.15
C LEU B 24 4.11 10.15 -12.85
N ASN B 25 4.79 9.33 -12.09
CA ASN B 25 4.29 8.82 -10.82
C ASN B 25 5.10 9.47 -9.70
N CYS B 26 4.40 9.82 -8.63
CA CYS B 26 5.07 10.18 -7.41
C CYS B 26 4.49 9.30 -6.30
N TYR B 27 5.27 8.31 -5.87
CA TYR B 27 4.84 7.28 -4.96
C TYR B 27 5.36 7.63 -3.58
N VAL B 28 4.45 7.87 -2.64
CA VAL B 28 4.90 8.35 -1.33
C VAL B 28 4.51 7.32 -0.30
N THR B 29 5.48 6.81 0.46
CA THR B 29 5.14 5.72 1.33
C THR B 29 5.69 5.96 2.72
N GLN B 30 5.25 5.09 3.64
CA GLN B 30 5.85 4.91 4.95
C GLN B 30 5.72 6.21 5.74
N PHE B 31 4.54 6.86 5.69
CA PHE B 31 4.38 8.07 6.48
C PHE B 31 3.25 7.96 7.50
N HIS B 32 3.37 8.80 8.55
CA HIS B 32 2.41 8.92 9.63
C HIS B 32 2.61 10.30 10.27
N PRO B 33 1.56 11.13 10.54
CA PRO B 33 0.16 10.75 10.33
C PRO B 33 -0.25 10.86 8.87
N PRO B 34 -1.50 10.52 8.54
CA PRO B 34 -1.89 10.44 7.14
C PRO B 34 -2.08 11.77 6.40
N HIS B 35 -2.24 12.89 7.10
CA HIS B 35 -2.39 14.15 6.40
C HIS B 35 -1.08 14.47 5.72
N ILE B 36 -1.13 14.76 4.41
CA ILE B 36 0.04 14.98 3.55
C ILE B 36 -0.41 15.87 2.39
N GLU B 37 0.49 16.71 1.90
CA GLU B 37 0.25 17.51 0.72
C GLU B 37 1.28 17.12 -0.33
N ILE B 38 0.80 16.75 -1.53
CA ILE B 38 1.66 16.25 -2.58
C ILE B 38 1.34 17.05 -3.85
N GLN B 39 2.34 17.76 -4.40
CA GLN B 39 2.14 18.39 -5.68
C GLN B 39 3.21 17.86 -6.62
N MET B 40 2.88 17.89 -7.90
CA MET B 40 3.83 17.58 -8.94
C MET B 40 4.01 18.84 -9.79
N LEU B 41 5.26 19.08 -10.21
CA LEU B 41 5.65 20.31 -10.88
C LEU B 41 6.44 19.97 -12.15
N LYS B 42 6.24 20.82 -13.16
CA LYS B 42 7.04 20.89 -14.37
C LYS B 42 7.76 22.25 -14.43
N ASN B 43 9.10 22.22 -14.59
CA ASN B 43 9.89 23.44 -14.57
C ASN B 43 9.42 24.39 -13.47
N GLY B 44 9.19 23.83 -12.27
CA GLY B 44 8.85 24.63 -11.09
C GLY B 44 7.44 25.22 -11.10
N LYS B 45 6.54 24.70 -11.94
CA LYS B 45 5.17 25.20 -11.88
C LYS B 45 4.23 24.02 -11.62
N LYS B 46 3.22 24.20 -10.76
CA LYS B 46 2.35 23.10 -10.38
C LYS B 46 1.61 22.58 -11.61
N ILE B 47 1.54 21.26 -11.73
CA ILE B 47 0.72 20.61 -12.73
C ILE B 47 -0.70 20.53 -12.20
N PRO B 48 -1.68 21.01 -12.96
CA PRO B 48 -3.06 21.12 -12.48
C PRO B 48 -3.85 19.83 -12.30
N LYS B 49 -3.79 18.92 -13.27
CA LYS B 49 -4.63 17.75 -13.15
C LYS B 49 -3.73 16.66 -12.61
N VAL B 50 -3.82 16.44 -11.31
CA VAL B 50 -2.99 15.40 -10.74
C VAL B 50 -3.94 14.45 -10.01
N GLU B 51 -3.88 13.16 -10.33
CA GLU B 51 -4.73 12.20 -9.69
C GLU B 51 -4.01 11.55 -8.53
N MET B 52 -4.74 11.34 -7.45
CA MET B 52 -4.23 10.62 -6.31
C MET B 52 -5.05 9.34 -6.19
N SER B 53 -4.39 8.21 -5.91
CA SER B 53 -5.10 7.00 -5.50
C SER B 53 -5.80 7.29 -4.17
N ASP B 54 -6.68 6.38 -3.70
CA ASP B 54 -7.25 6.46 -2.36
C ASP B 54 -6.12 6.22 -1.37
N MET B 55 -6.13 6.88 -0.23
CA MET B 55 -5.01 6.52 0.61
C MET B 55 -5.24 5.16 1.26
N SER B 56 -4.14 4.42 1.40
CA SER B 56 -4.20 3.11 2.05
C SER B 56 -3.02 3.03 3.01
N PHE B 57 -2.83 1.86 3.61
CA PHE B 57 -1.67 1.70 4.47
C PHE B 57 -1.17 0.27 4.34
N SER B 58 0.09 0.06 4.75
CA SER B 58 0.79 -1.21 4.70
C SER B 58 0.49 -2.04 5.94
N LYS B 59 0.99 -3.29 5.90
CA LYS B 59 0.95 -4.24 6.99
C LYS B 59 1.46 -3.57 8.27
N ASP B 60 2.50 -2.76 8.13
CA ASP B 60 3.14 -2.08 9.25
C ASP B 60 2.37 -0.81 9.67
N TRP B 61 1.18 -0.52 9.08
CA TRP B 61 0.26 0.56 9.46
C TRP B 61 0.58 1.87 8.78
N SER B 62 1.76 1.95 8.14
CA SER B 62 2.23 3.20 7.57
C SER B 62 1.48 3.49 6.26
N PHE B 63 1.25 4.78 6.01
CA PHE B 63 0.41 5.20 4.93
C PHE B 63 1.18 5.33 3.62
N TYR B 64 0.45 5.13 2.52
CA TYR B 64 1.06 5.33 1.22
C TYR B 64 -0.02 5.82 0.27
N ILE B 65 0.48 6.45 -0.81
CA ILE B 65 -0.38 7.01 -1.83
C ILE B 65 0.48 7.23 -3.08
N LEU B 66 -0.21 7.10 -4.21
CA LEU B 66 0.33 7.32 -5.54
C LEU B 66 -0.32 8.57 -6.17
N ALA B 67 0.52 9.55 -6.55
CA ALA B 67 0.09 10.68 -7.36
C ALA B 67 0.62 10.40 -8.74
N HIS B 68 -0.19 10.74 -9.74
CA HIS B 68 0.29 10.57 -11.09
C HIS B 68 -0.37 11.60 -11.99
N THR B 69 0.37 11.90 -13.04
CA THR B 69 -0.07 12.85 -14.03
C THR B 69 0.54 12.46 -15.38
N GLU B 70 -0.06 12.98 -16.45
CA GLU B 70 0.63 12.79 -17.72
C GLU B 70 1.86 13.72 -17.79
N PHE B 71 2.89 13.26 -18.51
CA PHE B 71 3.97 14.14 -18.94
C PHE B 71 4.59 13.63 -20.24
N THR B 72 5.29 14.55 -20.89
CA THR B 72 6.15 14.21 -22.01
C THR B 72 7.59 14.63 -21.72
N PRO B 73 8.48 13.65 -21.45
CA PRO B 73 9.89 13.96 -21.20
C PRO B 73 10.46 14.58 -22.47
N THR B 74 11.38 15.53 -22.29
CA THR B 74 12.12 16.16 -23.37
C THR B 74 13.55 16.29 -22.87
N GLU B 75 14.42 16.90 -23.67
CA GLU B 75 15.81 17.12 -23.28
C GLU B 75 15.89 18.15 -22.15
N THR B 76 14.98 19.14 -22.11
CA THR B 76 15.13 20.32 -21.26
C THR B 76 13.99 20.52 -20.27
N ASP B 77 12.89 19.74 -20.34
CA ASP B 77 11.84 19.86 -19.34
C ASP B 77 12.28 19.07 -18.12
N THR B 78 12.00 19.65 -16.96
CA THR B 78 12.32 18.99 -15.70
C THR B 78 11.02 18.87 -14.94
N TYR B 79 10.95 17.81 -14.13
CA TYR B 79 9.76 17.47 -13.39
C TYR B 79 10.17 17.11 -11.97
N ALA B 80 9.23 17.34 -11.03
CA ALA B 80 9.53 17.05 -9.63
C ALA B 80 8.27 16.76 -8.83
N CYS B 81 8.44 16.13 -7.67
CA CYS B 81 7.32 15.96 -6.76
C CYS B 81 7.66 16.68 -5.45
N ARG B 82 6.72 17.45 -4.92
CA ARG B 82 6.96 18.18 -3.70
C ARG B 82 5.89 17.78 -2.69
N VAL B 83 6.38 17.40 -1.52
CA VAL B 83 5.59 16.78 -0.47
C VAL B 83 5.72 17.64 0.77
N LYS B 84 4.59 18.03 1.35
CA LYS B 84 4.68 18.58 2.69
C LYS B 84 4.01 17.62 3.67
N HIS B 85 4.67 17.44 4.83
CA HIS B 85 4.23 16.52 5.86
C HIS B 85 4.76 17.02 7.20
N ASP B 86 4.01 16.75 8.29
CA ASP B 86 4.40 17.33 9.57
C ASP B 86 5.70 16.71 10.08
N SER B 87 6.07 15.51 9.64
CA SER B 87 7.37 14.96 9.99
C SER B 87 8.53 15.80 9.44
N MET B 88 8.26 16.75 8.55
CA MET B 88 9.35 17.39 7.83
C MET B 88 9.32 18.89 8.10
N ALA B 89 10.49 19.39 8.51
CA ALA B 89 10.61 20.76 8.93
C ALA B 89 10.64 21.68 7.71
N GLU B 90 10.56 21.11 6.50
CA GLU B 90 10.22 21.89 5.32
C GLU B 90 9.74 20.95 4.21
N PRO B 91 9.15 21.47 3.12
CA PRO B 91 8.73 20.60 2.04
C PRO B 91 9.91 19.89 1.39
N LYS B 92 9.72 18.62 1.02
CA LYS B 92 10.77 17.89 0.33
C LYS B 92 10.43 17.85 -1.16
N THR B 93 11.39 18.29 -1.98
CA THR B 93 11.19 18.20 -3.41
C THR B 93 12.12 17.13 -3.96
N VAL B 94 11.55 16.23 -4.76
CA VAL B 94 12.34 15.21 -5.43
C VAL B 94 12.16 15.43 -6.91
N TYR B 95 13.32 15.54 -7.58
CA TYR B 95 13.36 15.79 -9.00
C TYR B 95 13.33 14.44 -9.72
N TRP B 96 12.47 14.32 -10.73
CA TRP B 96 12.52 13.17 -11.62
C TRP B 96 13.88 13.04 -12.30
N ASP B 97 14.51 11.86 -12.21
CA ASP B 97 15.71 11.45 -12.93
C ASP B 97 15.38 10.27 -13.86
N ARG B 98 15.78 10.42 -15.12
CA ARG B 98 15.61 9.43 -16.19
C ARG B 98 16.11 8.03 -15.81
N ASP B 99 17.24 7.96 -15.10
CA ASP B 99 17.92 6.71 -14.76
C ASP B 99 17.48 6.20 -13.39
N MET B 100 16.38 6.77 -12.88
CA MET B 100 15.86 6.85 -11.51
C MET B 100 16.92 6.77 -10.41
N LYS C 1 -16.39 -9.15 0.95
CA LYS C 1 -17.39 -8.35 1.69
C LYS C 1 -16.78 -7.86 3.00
N TYR C 2 -17.20 -6.65 3.36
CA TYR C 2 -16.82 -5.89 4.52
C TYR C 2 -17.69 -6.34 5.69
N ARG C 3 -17.06 -6.46 6.86
CA ARG C 3 -17.76 -6.89 8.05
C ARG C 3 -17.43 -5.88 9.13
N GLN C 4 -18.45 -5.34 9.76
CA GLN C 4 -18.24 -4.23 10.68
C GLN C 4 -17.67 -4.79 11.98
N VAL C 5 -17.09 -3.92 12.80
CA VAL C 5 -16.55 -4.34 14.09
C VAL C 5 -17.73 -4.72 14.97
N ALA C 6 -17.61 -5.81 15.72
CA ALA C 6 -18.75 -6.33 16.48
C ALA C 6 -19.00 -5.48 17.72
N SER C 7 -17.96 -5.16 18.46
CA SER C 7 -18.19 -4.63 19.78
C SER C 7 -17.29 -3.40 20.01
N HIS C 8 -17.70 -2.45 20.86
CA HIS C 8 -16.93 -1.22 21.10
C HIS C 8 -15.61 -1.49 21.81
N VAL C 9 -14.63 -0.59 21.66
CA VAL C 9 -13.38 -0.71 22.39
C VAL C 9 -13.56 -0.27 23.87
#